data_9LIN
#
_entry.id   9LIN
#
_cell.length_a   84.488
_cell.length_b   84.488
_cell.length_c   67.615
_cell.angle_alpha   90.000
_cell.angle_beta   90.000
_cell.angle_gamma   120.000
#
_symmetry.space_group_name_H-M   'P 63'
#
loop_
_entity.id
_entity.type
_entity.pdbx_description
1 polymer dGCA1
2 non-polymer 'ZINC ION'
3 water water
#
_entity_poly.entity_id   1
_entity_poly.type   'polypeptide(L)'
_entity_poly.pdbx_seq_one_letter_code
;HVLVIDENSNIRENPITPWNPTPKKPKIHPSAYIDPQASVIGEVTIGENVMVSPMASIRSDEGMPIYVGDNSNVQDGVVL
HAARTIDENGNIIEDNVVEVDGEKFAVYIGKNVSLAHQSQVHGPAAVGDNTFIGMQAFVFKSRVGKNCVLEPRSAAIGVT
IPDGRYIPAGMVVTSQAEADKLPKVTPDYAYANLNESVVKVNIALARGYLETS
;
_entity_poly.pdbx_strand_id   A
#
loop_
_chem_comp.id
_chem_comp.type
_chem_comp.name
_chem_comp.formula
ZN non-polymer 'ZINC ION' 'Zn 2'
#
# COMPACT_ATOMS: atom_id res chain seq x y z
N ASN A 8 7.14 21.35 6.83
CA ASN A 8 6.80 20.04 6.30
C ASN A 8 7.37 19.86 4.89
N SER A 9 8.71 20.01 4.81
CA SER A 9 9.45 19.80 3.56
C SER A 9 9.26 18.40 3.00
N ASN A 10 8.89 17.42 3.84
CA ASN A 10 8.80 16.03 3.42
C ASN A 10 7.45 15.67 2.85
N ILE A 11 6.50 16.60 2.88
CA ILE A 11 5.18 16.43 2.27
C ILE A 11 5.11 17.46 1.15
N ARG A 12 5.10 16.99 -0.10
CA ARG A 12 5.41 17.83 -1.23
C ARG A 12 4.44 17.57 -2.38
N GLU A 13 4.23 18.59 -3.21
CA GLU A 13 3.53 18.40 -4.48
C GLU A 13 4.39 17.62 -5.46
N ASN A 14 3.73 16.93 -6.39
CA ASN A 14 4.48 16.33 -7.48
C ASN A 14 4.77 17.40 -8.55
N PRO A 15 5.72 17.15 -9.43
CA PRO A 15 6.05 18.15 -10.46
C PRO A 15 5.16 18.02 -11.70
N ILE A 16 5.12 19.11 -12.47
CA ILE A 16 4.55 19.08 -13.81
C ILE A 16 5.37 18.14 -14.69
N THR A 17 4.69 17.26 -15.43
CA THR A 17 5.32 16.36 -16.39
C THR A 17 4.46 16.29 -17.64
N PRO A 18 4.90 15.60 -18.70
CA PRO A 18 4.00 15.44 -19.86
C PRO A 18 2.72 14.68 -19.56
N TRP A 19 2.68 13.85 -18.51
CA TRP A 19 1.45 13.13 -18.15
C TRP A 19 0.71 13.77 -16.99
N ASN A 20 1.23 14.87 -16.42
CA ASN A 20 0.65 15.49 -15.25
C ASN A 20 0.76 17.01 -15.35
N PRO A 21 -0.27 17.68 -15.84
CA PRO A 21 -0.13 19.10 -16.19
C PRO A 21 -0.29 20.08 -15.04
N THR A 22 -0.69 19.63 -13.84
CA THR A 22 -0.79 20.51 -12.68
C THR A 22 -0.23 19.79 -11.46
N PRO A 23 0.38 20.53 -10.53
CA PRO A 23 0.92 19.87 -9.33
C PRO A 23 -0.20 19.40 -8.43
N LYS A 24 -0.02 18.22 -7.85
CA LYS A 24 -0.97 17.65 -6.91
C LYS A 24 -0.32 17.53 -5.54
N LYS A 25 -1.08 17.84 -4.50
CA LYS A 25 -0.59 17.90 -3.12
C LYS A 25 -1.24 16.82 -2.28
N PRO A 26 -0.48 16.16 -1.40
CA PRO A 26 -1.07 15.08 -0.60
C PRO A 26 -2.22 15.55 0.29
N LYS A 27 -3.22 14.71 0.44
CA LYS A 27 -4.31 14.95 1.38
C LYS A 27 -4.15 13.96 2.52
N ILE A 28 -3.77 14.46 3.68
CA ILE A 28 -3.38 13.63 4.82
C ILE A 28 -4.26 13.99 5.99
N HIS A 29 -5.00 13.00 6.50
CA HIS A 29 -5.89 13.23 7.63
C HIS A 29 -5.09 13.72 8.84
N PRO A 30 -5.67 14.59 9.67
CA PRO A 30 -4.94 15.13 10.82
C PRO A 30 -4.53 14.09 11.86
N SER A 31 -5.17 12.93 11.90
CA SER A 31 -4.82 11.89 12.85
C SER A 31 -3.76 10.94 12.32
N ALA A 32 -3.32 11.11 11.08
CA ALA A 32 -2.18 10.37 10.57
C ALA A 32 -0.89 11.03 11.05
N TYR A 33 0.15 10.22 11.22
CA TYR A 33 1.47 10.72 11.60
C TYR A 33 2.44 10.41 10.48
N ILE A 34 3.11 11.44 9.96
CA ILE A 34 4.17 11.30 8.97
C ILE A 34 5.49 11.58 9.67
N ASP A 35 6.34 10.56 9.77
CA ASP A 35 7.67 10.76 10.32
C ASP A 35 8.42 11.86 9.57
N PRO A 36 9.25 12.64 10.27
CA PRO A 36 10.03 13.68 9.59
C PRO A 36 10.94 13.15 8.50
N GLN A 37 11.38 11.90 8.61
CA GLN A 37 12.21 11.27 7.61
C GLN A 37 11.45 10.25 6.76
N ALA A 38 10.12 10.35 6.73
CA ALA A 38 9.35 9.74 5.65
C ALA A 38 9.13 10.79 4.57
N SER A 39 8.78 10.32 3.38
CA SER A 39 8.55 11.25 2.27
C SER A 39 7.20 10.93 1.62
N VAL A 40 6.39 11.96 1.39
CA VAL A 40 5.07 11.81 0.77
C VAL A 40 4.97 12.87 -0.32
N ILE A 41 4.84 12.42 -1.57
CA ILE A 41 4.88 13.30 -2.73
C ILE A 41 3.65 13.05 -3.61
N GLY A 42 2.94 14.14 -3.94
CA GLY A 42 2.02 14.10 -5.06
C GLY A 42 0.60 13.77 -4.72
N GLU A 43 -0.09 13.09 -5.64
CA GLU A 43 -1.52 12.86 -5.52
C GLU A 43 -1.73 11.64 -4.63
N VAL A 44 -1.70 11.89 -3.33
CA VAL A 44 -1.75 10.87 -2.29
C VAL A 44 -2.88 11.23 -1.34
N THR A 45 -3.67 10.23 -0.94
CA THR A 45 -4.64 10.38 0.13
C THR A 45 -4.32 9.38 1.24
N ILE A 46 -4.18 9.88 2.46
CA ILE A 46 -3.85 9.07 3.62
C ILE A 46 -4.95 9.25 4.65
N GLY A 47 -5.53 8.14 5.09
CA GLY A 47 -6.68 8.16 5.98
C GLY A 47 -6.32 8.29 7.45
N GLU A 48 -7.30 7.96 8.31
CA GLU A 48 -7.21 8.26 9.73
C GLU A 48 -6.25 7.32 10.43
N ASN A 49 -5.50 7.88 11.40
CA ASN A 49 -4.64 7.13 12.31
C ASN A 49 -3.52 6.38 11.60
N VAL A 50 -3.16 6.79 10.39
CA VAL A 50 -2.13 6.06 9.64
C VAL A 50 -0.75 6.46 10.14
N MET A 51 0.04 5.47 10.53
CA MET A 51 1.41 5.69 10.96
C MET A 51 2.35 5.47 9.79
N VAL A 52 3.08 6.51 9.39
CA VAL A 52 4.07 6.40 8.32
C VAL A 52 5.45 6.56 8.96
N SER A 53 6.23 5.49 8.90
CA SER A 53 7.45 5.33 9.69
C SER A 53 8.65 5.98 8.98
N PRO A 54 9.79 6.08 9.66
CA PRO A 54 10.99 6.66 9.01
C PRO A 54 11.38 5.91 7.75
N MET A 55 11.84 6.66 6.74
CA MET A 55 12.40 6.17 5.50
C MET A 55 11.36 5.57 4.57
N ALA A 56 10.07 5.62 4.92
CA ALA A 56 9.05 5.24 3.95
C ALA A 56 8.99 6.31 2.88
N SER A 57 8.74 5.90 1.63
CA SER A 57 8.60 6.85 0.53
C SER A 57 7.31 6.53 -0.21
N ILE A 58 6.35 7.44 -0.15
CA ILE A 58 5.10 7.33 -0.89
C ILE A 58 5.17 8.39 -1.98
N ARG A 59 5.34 7.95 -3.22
CA ARG A 59 5.67 8.85 -4.31
C ARG A 59 4.65 8.69 -5.43
N SER A 60 3.73 9.64 -5.50
CA SER A 60 2.67 9.64 -6.50
C SER A 60 2.97 10.71 -7.56
N ASP A 61 4.01 10.43 -8.36
CA ASP A 61 4.42 11.37 -9.40
C ASP A 61 4.45 10.76 -10.80
N GLU A 62 4.36 9.43 -10.91
CA GLU A 62 4.27 8.78 -12.21
C GLU A 62 2.82 8.31 -12.32
N GLY A 63 2.50 7.11 -11.86
CA GLY A 63 1.11 6.72 -11.72
C GLY A 63 0.51 7.38 -10.50
N MET A 64 -0.74 7.79 -10.64
CA MET A 64 -1.49 8.41 -9.56
C MET A 64 -2.97 8.17 -9.82
N PRO A 65 -3.82 8.18 -8.79
CA PRO A 65 -3.54 8.48 -7.37
C PRO A 65 -3.09 7.26 -6.56
N ILE A 66 -2.52 7.54 -5.40
CA ILE A 66 -2.19 6.51 -4.41
C ILE A 66 -3.04 6.78 -3.17
N TYR A 67 -3.74 5.74 -2.70
CA TYR A 67 -4.67 5.85 -1.59
C TYR A 67 -4.26 4.89 -0.49
N VAL A 68 -4.20 5.40 0.75
CA VAL A 68 -3.90 4.57 1.92
C VAL A 68 -5.07 4.75 2.89
N GLY A 69 -5.81 3.66 3.13
CA GLY A 69 -7.06 3.75 3.87
C GLY A 69 -6.89 3.88 5.39
N ASP A 70 -8.02 4.15 6.05
CA ASP A 70 -8.04 4.36 7.50
C ASP A 70 -7.40 3.22 8.26
N ASN A 71 -6.60 3.58 9.27
CA ASN A 71 -6.05 2.66 10.25
C ASN A 71 -5.05 1.68 9.66
N SER A 72 -4.53 1.99 8.48
CA SER A 72 -3.48 1.20 7.89
C SER A 72 -2.14 1.77 8.37
N ASN A 73 -1.05 1.09 8.05
CA ASN A 73 0.26 1.58 8.46
C ASN A 73 1.29 1.32 7.36
N VAL A 74 2.25 2.24 7.27
CA VAL A 74 3.30 2.22 6.25
C VAL A 74 4.62 2.28 7.00
N GLN A 75 5.31 1.14 7.11
CA GLN A 75 6.42 1.00 8.05
C GLN A 75 7.76 1.39 7.41
N ASP A 76 8.84 1.20 8.16
CA ASP A 76 10.14 1.76 7.78
C ASP A 76 10.58 1.26 6.42
N GLY A 77 10.98 2.19 5.55
CA GLY A 77 11.57 1.81 4.28
C GLY A 77 10.59 1.28 3.25
N VAL A 78 9.28 1.33 3.52
CA VAL A 78 8.30 0.88 2.54
C VAL A 78 8.25 1.88 1.39
N VAL A 79 8.08 1.37 0.17
CA VAL A 79 7.98 2.21 -1.01
C VAL A 79 6.63 1.97 -1.64
N LEU A 80 5.92 3.06 -1.96
CA LEU A 80 4.72 3.05 -2.79
C LEU A 80 5.00 3.90 -4.01
N HIS A 81 4.86 3.33 -5.20
CA HIS A 81 5.07 4.03 -6.44
C HIS A 81 4.19 3.35 -7.47
N ALA A 82 4.07 3.94 -8.67
CA ALA A 82 3.18 3.32 -9.64
C ALA A 82 3.58 3.67 -11.07
N ALA A 83 3.30 2.74 -11.99
CA ALA A 83 3.48 2.98 -13.42
C ALA A 83 2.51 4.05 -13.93
N ARG A 84 2.95 4.80 -14.93
CA ARG A 84 2.14 5.91 -15.42
C ARG A 84 0.76 5.42 -15.86
N THR A 85 -0.24 6.23 -15.56
CA THR A 85 -1.62 5.92 -15.87
C THR A 85 -2.15 6.68 -17.06
N ILE A 86 -1.40 7.66 -17.57
CA ILE A 86 -1.79 8.50 -18.70
C ILE A 86 -0.80 8.29 -19.83
N ASP A 87 -1.31 8.03 -21.03
CA ASP A 87 -0.50 7.82 -22.23
C ASP A 87 0.13 9.12 -22.69
N GLU A 88 1.05 9.02 -23.67
CA GLU A 88 1.54 10.20 -24.35
C GLU A 88 0.41 10.95 -25.04
N ASN A 89 -0.56 10.23 -25.58
CA ASN A 89 -1.74 10.87 -26.16
C ASN A 89 -2.64 11.50 -25.11
N GLY A 90 -2.41 11.23 -23.83
CA GLY A 90 -3.30 11.70 -22.79
C GLY A 90 -4.46 10.77 -22.47
N ASN A 91 -4.46 9.56 -23.04
CA ASN A 91 -5.48 8.59 -22.72
C ASN A 91 -5.07 7.70 -21.55
N ILE A 92 -6.06 7.34 -20.73
CA ILE A 92 -5.81 6.46 -19.59
C ILE A 92 -5.25 5.13 -20.10
N ILE A 93 -4.21 4.64 -19.42
CA ILE A 93 -3.69 3.30 -19.63
C ILE A 93 -4.46 2.38 -18.69
N GLU A 94 -5.46 1.68 -19.23
CA GLU A 94 -6.37 0.91 -18.38
C GLU A 94 -5.65 -0.20 -17.64
N ASP A 95 -4.65 -0.83 -18.25
CA ASP A 95 -3.94 -1.90 -17.58
C ASP A 95 -3.12 -1.41 -16.40
N ASN A 96 -2.90 -0.10 -16.26
CA ASN A 96 -2.10 0.47 -15.19
C ASN A 96 -2.94 1.10 -14.08
N VAL A 97 -4.26 0.89 -14.10
CA VAL A 97 -5.13 1.37 -13.03
C VAL A 97 -5.88 0.17 -12.46
N VAL A 98 -6.29 0.31 -11.20
CA VAL A 98 -7.13 -0.69 -10.56
C VAL A 98 -8.43 0.00 -10.16
N GLU A 99 -9.54 -0.68 -10.38
CA GLU A 99 -10.83 -0.17 -9.97
C GLU A 99 -11.20 -0.80 -8.64
N VAL A 100 -11.63 0.04 -7.70
CA VAL A 100 -12.06 -0.39 -6.37
C VAL A 100 -13.24 0.48 -6.00
N ASP A 101 -14.38 -0.15 -5.71
CA ASP A 101 -15.60 0.59 -5.35
C ASP A 101 -15.93 1.66 -6.39
N GLY A 102 -15.83 1.28 -7.67
CA GLY A 102 -16.17 2.20 -8.75
C GLY A 102 -15.25 3.37 -8.94
N GLU A 103 -14.05 3.35 -8.37
CA GLU A 103 -13.08 4.43 -8.54
C GLU A 103 -11.77 3.83 -9.03
N LYS A 104 -10.95 4.68 -9.65
CA LYS A 104 -9.72 4.23 -10.28
C LYS A 104 -8.51 4.73 -9.50
N PHE A 105 -7.55 3.83 -9.25
CA PHE A 105 -6.36 4.18 -8.51
C PHE A 105 -5.13 3.60 -9.20
N ALA A 106 -3.99 4.24 -8.97
CA ALA A 106 -2.72 3.62 -9.32
C ALA A 106 -2.34 2.59 -8.27
N VAL A 107 -2.40 2.96 -6.99
CA VAL A 107 -2.22 2.03 -5.88
C VAL A 107 -3.37 2.27 -4.92
N TYR A 108 -4.05 1.19 -4.53
CA TYR A 108 -5.11 1.27 -3.52
C TYR A 108 -4.73 0.39 -2.35
N ILE A 109 -4.52 1.00 -1.19
CA ILE A 109 -4.34 0.28 0.07
C ILE A 109 -5.62 0.46 0.88
N GLY A 110 -6.26 -0.65 1.24
CA GLY A 110 -7.50 -0.63 1.99
C GLY A 110 -7.31 -0.26 3.44
N LYS A 111 -8.34 -0.54 4.24
CA LYS A 111 -8.35 -0.22 5.66
C LYS A 111 -7.75 -1.35 6.49
N ASN A 112 -7.13 -0.98 7.61
CA ASN A 112 -6.53 -1.95 8.53
C ASN A 112 -5.50 -2.83 7.83
N VAL A 113 -4.71 -2.23 6.93
CA VAL A 113 -3.66 -2.94 6.21
C VAL A 113 -2.31 -2.57 6.83
N SER A 114 -1.47 -3.57 7.06
CA SER A 114 -0.10 -3.32 7.50
C SER A 114 0.85 -3.54 6.32
N LEU A 115 1.63 -2.52 6.00
CA LEU A 115 2.75 -2.64 5.06
C LEU A 115 4.03 -2.68 5.91
N ALA A 116 4.55 -3.88 6.16
CA ALA A 116 5.61 -4.04 7.14
C ALA A 116 6.98 -3.65 6.57
N HIS A 117 7.96 -3.54 7.47
CA HIS A 117 9.25 -2.92 7.18
C HIS A 117 9.85 -3.44 5.86
N GLN A 118 10.19 -2.50 4.98
CA GLN A 118 10.91 -2.73 3.74
C GLN A 118 10.09 -3.42 2.66
N SER A 119 8.78 -3.57 2.87
CA SER A 119 7.94 -4.08 1.80
C SER A 119 7.72 -2.99 0.75
N GLN A 120 7.11 -3.39 -0.37
CA GLN A 120 6.89 -2.49 -1.48
C GLN A 120 5.60 -2.88 -2.18
N VAL A 121 4.75 -1.89 -2.47
CA VAL A 121 3.57 -2.08 -3.30
C VAL A 121 3.72 -1.14 -4.49
N HIS A 122 3.81 -1.71 -5.68
CA HIS A 122 4.05 -0.93 -6.88
C HIS A 122 2.86 -1.04 -7.81
N GLY A 123 2.29 0.09 -8.18
CA GLY A 123 1.13 0.13 -9.04
C GLY A 123 1.42 -0.35 -10.44
N PRO A 124 0.39 -0.90 -11.11
CA PRO A 124 -0.99 -0.98 -10.57
C PRO A 124 -1.16 -2.06 -9.50
N ALA A 125 -1.85 -1.75 -8.40
CA ALA A 125 -1.98 -2.74 -7.34
C ALA A 125 -3.08 -2.33 -6.36
N ALA A 126 -3.74 -3.32 -5.78
CA ALA A 126 -4.69 -3.09 -4.70
C ALA A 126 -4.44 -4.10 -3.59
N VAL A 127 -4.58 -3.65 -2.35
CA VAL A 127 -4.49 -4.52 -1.18
C VAL A 127 -5.78 -4.38 -0.40
N GLY A 128 -6.49 -5.50 -0.19
CA GLY A 128 -7.78 -5.46 0.47
C GLY A 128 -7.68 -5.32 1.98
N ASP A 129 -8.82 -4.99 2.60
CA ASP A 129 -8.87 -4.66 4.02
C ASP A 129 -8.32 -5.80 4.88
N ASN A 130 -7.70 -5.42 6.01
CA ASN A 130 -7.29 -6.37 7.04
C ASN A 130 -6.24 -7.36 6.56
N THR A 131 -5.35 -6.92 5.68
CA THR A 131 -4.34 -7.78 5.09
C THR A 131 -2.97 -7.37 5.62
N PHE A 132 -2.14 -8.35 5.93
CA PHE A 132 -0.78 -8.14 6.38
C PHE A 132 0.18 -8.35 5.21
N ILE A 133 0.94 -7.32 4.87
CA ILE A 133 1.99 -7.43 3.85
C ILE A 133 3.31 -7.47 4.61
N GLY A 134 3.94 -8.64 4.66
CA GLY A 134 5.05 -8.88 5.57
C GLY A 134 6.35 -8.19 5.19
N MET A 135 7.31 -8.26 6.12
CA MET A 135 8.57 -7.55 5.96
C MET A 135 9.28 -8.00 4.70
N GLN A 136 9.81 -7.03 3.95
CA GLN A 136 10.52 -7.27 2.69
C GLN A 136 9.66 -7.98 1.63
N ALA A 137 8.33 -7.93 1.77
CA ALA A 137 7.46 -8.52 0.76
C ALA A 137 7.28 -7.55 -0.41
N PHE A 138 6.68 -8.04 -1.50
CA PHE A 138 6.58 -7.28 -2.74
C PHE A 138 5.25 -7.56 -3.42
N VAL A 139 4.56 -6.50 -3.82
CA VAL A 139 3.27 -6.55 -4.50
C VAL A 139 3.38 -5.67 -5.74
N PHE A 140 3.08 -6.24 -6.91
CA PHE A 140 3.29 -5.52 -8.16
C PHE A 140 2.32 -6.06 -9.21
N LYS A 141 1.57 -5.16 -9.85
CA LYS A 141 0.59 -5.55 -10.86
C LYS A 141 -0.31 -6.67 -10.34
N SER A 142 -0.78 -6.50 -9.10
CA SER A 142 -1.48 -7.57 -8.42
C SER A 142 -2.62 -7.00 -7.60
N ARG A 143 -3.62 -7.84 -7.36
CA ARG A 143 -4.71 -7.53 -6.44
C ARG A 143 -4.65 -8.52 -5.28
N VAL A 144 -4.30 -8.04 -4.08
CA VAL A 144 -4.30 -8.89 -2.90
C VAL A 144 -5.66 -8.76 -2.22
N GLY A 145 -6.31 -9.89 -1.97
CA GLY A 145 -7.62 -9.88 -1.36
C GLY A 145 -7.59 -9.37 0.06
N LYS A 146 -8.77 -9.30 0.66
CA LYS A 146 -8.89 -8.94 2.06
C LYS A 146 -8.59 -10.15 2.93
N ASN A 147 -8.20 -9.89 4.18
CA ASN A 147 -7.94 -10.94 5.17
C ASN A 147 -6.83 -11.88 4.73
N CYS A 148 -5.86 -11.35 3.99
CA CYS A 148 -4.73 -12.11 3.49
C CYS A 148 -3.49 -11.88 4.36
N VAL A 149 -2.51 -12.77 4.23
CA VAL A 149 -1.22 -12.61 4.87
C VAL A 149 -0.14 -12.92 3.84
N LEU A 150 0.66 -11.91 3.51
CA LEU A 150 1.90 -12.16 2.78
C LEU A 150 2.99 -12.27 3.84
N GLU A 151 3.52 -13.48 4.04
CA GLU A 151 4.60 -13.68 5.00
C GLU A 151 5.84 -12.93 4.53
N PRO A 152 6.81 -12.71 5.42
CA PRO A 152 8.02 -11.99 5.01
C PRO A 152 8.69 -12.61 3.79
N ARG A 153 9.18 -11.76 2.90
CA ARG A 153 9.91 -12.14 1.69
C ARG A 153 9.02 -12.78 0.64
N SER A 154 7.73 -12.82 0.85
CA SER A 154 6.85 -13.33 -0.19
C SER A 154 6.62 -12.24 -1.24
N ALA A 155 6.06 -12.63 -2.38
CA ALA A 155 5.82 -11.66 -3.44
C ALA A 155 4.61 -12.09 -4.26
N ALA A 156 3.87 -11.10 -4.75
CA ALA A 156 2.76 -11.31 -5.67
C ALA A 156 2.98 -10.42 -6.87
N ILE A 157 3.20 -11.03 -8.04
CA ILE A 157 3.49 -10.29 -9.26
C ILE A 157 2.55 -10.77 -10.34
N GLY A 158 1.70 -9.87 -10.84
CA GLY A 158 0.83 -10.18 -11.96
C GLY A 158 -0.31 -11.12 -11.64
N VAL A 159 -0.79 -11.15 -10.40
CA VAL A 159 -1.78 -12.14 -9.98
C VAL A 159 -2.84 -11.50 -9.09
N THR A 160 -3.94 -12.22 -8.92
CA THR A 160 -4.96 -11.89 -7.93
C THR A 160 -4.89 -12.93 -6.82
N ILE A 161 -4.67 -12.49 -5.59
CA ILE A 161 -4.66 -13.36 -4.43
C ILE A 161 -6.09 -13.44 -3.88
N PRO A 162 -6.70 -14.61 -3.83
CA PRO A 162 -8.07 -14.71 -3.30
C PRO A 162 -8.12 -14.23 -1.85
N ASP A 163 -9.26 -13.66 -1.47
CA ASP A 163 -9.51 -13.33 -0.06
C ASP A 163 -9.15 -14.51 0.84
N GLY A 164 -8.52 -14.21 1.97
CA GLY A 164 -8.32 -15.21 3.01
C GLY A 164 -7.23 -16.22 2.80
N ARG A 165 -6.27 -15.94 1.91
CA ARG A 165 -5.16 -16.84 1.66
C ARG A 165 -3.87 -16.25 2.24
N TYR A 166 -2.86 -17.10 2.37
CA TYR A 166 -1.54 -16.60 2.74
C TYR A 166 -0.48 -17.09 1.76
N ILE A 167 0.61 -16.35 1.65
CA ILE A 167 1.75 -16.75 0.85
C ILE A 167 2.90 -17.07 1.80
N PRO A 168 3.40 -18.31 1.81
CA PRO A 168 4.48 -18.67 2.73
C PRO A 168 5.73 -17.84 2.50
N ALA A 169 6.53 -17.70 3.56
CA ALA A 169 7.71 -16.87 3.54
C ALA A 169 8.61 -17.26 2.37
N GLY A 170 9.09 -16.26 1.64
CA GLY A 170 10.01 -16.47 0.54
C GLY A 170 9.38 -16.85 -0.79
N MET A 171 8.09 -17.17 -0.83
CA MET A 171 7.48 -17.64 -2.07
C MET A 171 7.14 -16.46 -2.98
N VAL A 172 7.53 -16.56 -4.24
CA VAL A 172 7.29 -15.54 -5.25
C VAL A 172 6.20 -16.08 -6.18
N VAL A 173 5.00 -15.52 -6.11
CA VAL A 173 3.87 -16.02 -6.88
C VAL A 173 3.75 -15.17 -8.14
N THR A 174 3.99 -15.81 -9.30
CA THR A 174 3.80 -15.16 -10.59
C THR A 174 2.73 -15.80 -11.45
N SER A 175 2.14 -16.91 -11.03
CA SER A 175 1.21 -17.66 -11.85
C SER A 175 -0.16 -17.65 -11.19
N GLN A 176 -1.20 -17.29 -11.96
CA GLN A 176 -2.54 -17.26 -11.39
C GLN A 176 -2.98 -18.64 -10.92
N ALA A 177 -2.56 -19.70 -11.62
CA ALA A 177 -2.92 -21.04 -11.18
C ALA A 177 -2.35 -21.32 -9.79
N GLU A 178 -1.12 -20.88 -9.54
CA GLU A 178 -0.53 -20.99 -8.20
C GLU A 178 -1.25 -20.11 -7.20
N ALA A 179 -1.58 -18.87 -7.58
CA ALA A 179 -2.31 -17.99 -6.68
C ALA A 179 -3.64 -18.60 -6.23
N ASP A 180 -4.37 -19.22 -7.17
CA ASP A 180 -5.66 -19.81 -6.85
C ASP A 180 -5.53 -20.96 -5.86
N LYS A 181 -4.35 -21.59 -5.79
CA LYS A 181 -4.10 -22.75 -4.93
C LYS A 181 -3.49 -22.39 -3.59
N LEU A 182 -3.32 -21.10 -3.27
CA LEU A 182 -2.60 -20.75 -2.05
C LEU A 182 -3.36 -21.23 -0.80
N PRO A 183 -2.64 -21.54 0.27
CA PRO A 183 -3.30 -22.04 1.48
C PRO A 183 -4.16 -20.98 2.14
N LYS A 184 -5.17 -21.45 2.87
CA LYS A 184 -6.15 -20.59 3.51
C LYS A 184 -5.74 -20.23 4.92
N VAL A 185 -5.98 -18.97 5.29
CA VAL A 185 -5.85 -18.57 6.68
C VAL A 185 -6.92 -19.30 7.51
N THR A 186 -6.49 -19.91 8.61
CA THR A 186 -7.38 -20.54 9.58
C THR A 186 -7.02 -20.04 10.97
N PRO A 187 -7.90 -20.23 11.96
CA PRO A 187 -7.60 -19.77 13.32
C PRO A 187 -6.29 -20.29 13.90
N ASP A 188 -5.81 -21.45 13.48
CA ASP A 188 -4.57 -22.02 14.00
C ASP A 188 -3.35 -21.67 13.15
N TYR A 189 -3.52 -20.92 12.07
CA TYR A 189 -2.39 -20.44 11.29
C TYR A 189 -1.57 -19.43 12.08
N ALA A 190 -0.24 -19.55 12.02
CA ALA A 190 0.65 -18.79 12.90
C ALA A 190 0.48 -17.29 12.76
N TYR A 191 0.14 -16.80 11.57
CA TYR A 191 -0.02 -15.36 11.32
C TYR A 191 -1.48 -14.92 11.36
N ALA A 192 -2.40 -15.77 11.84
CA ALA A 192 -3.83 -15.50 11.67
C ALA A 192 -4.27 -14.23 12.39
N ASN A 193 -3.66 -13.94 13.55
CA ASN A 193 -4.06 -12.79 14.34
C ASN A 193 -3.02 -11.68 14.34
N LEU A 194 -1.97 -11.81 13.53
CA LEU A 194 -0.89 -10.82 13.58
C LEU A 194 -1.36 -9.45 13.12
N ASN A 195 -2.09 -9.37 12.00
CA ASN A 195 -2.42 -8.05 11.44
C ASN A 195 -3.23 -7.21 12.42
N GLU A 196 -4.19 -7.83 13.10
CA GLU A 196 -4.97 -7.13 14.12
C GLU A 196 -4.05 -6.51 15.18
N SER A 197 -3.07 -7.28 15.65
CA SER A 197 -2.11 -6.77 16.63
C SER A 197 -1.29 -5.61 16.07
N VAL A 198 -0.75 -5.77 14.86
CA VAL A 198 0.10 -4.73 14.27
C VAL A 198 -0.70 -3.46 14.02
N VAL A 199 -1.95 -3.59 13.59
CA VAL A 199 -2.79 -2.43 13.36
C VAL A 199 -3.03 -1.66 14.65
N LYS A 200 -3.37 -2.38 15.74
CA LYS A 200 -3.53 -1.74 17.06
C LYS A 200 -2.28 -0.96 17.46
N VAL A 201 -1.12 -1.61 17.37
CA VAL A 201 0.14 -0.96 17.75
C VAL A 201 0.32 0.33 16.97
N ASN A 202 0.14 0.28 15.66
CA ASN A 202 0.47 1.44 14.83
C ASN A 202 -0.54 2.57 15.00
N ILE A 203 -1.81 2.25 15.25
CA ILE A 203 -2.76 3.31 15.63
C ILE A 203 -2.27 4.02 16.89
N ALA A 204 -1.82 3.24 17.89
CA ALA A 204 -1.36 3.84 19.12
C ALA A 204 -0.06 4.61 18.93
N LEU A 205 0.83 4.11 18.07
CA LEU A 205 2.05 4.86 17.75
C LEU A 205 1.70 6.20 17.10
N ALA A 206 0.78 6.20 16.14
CA ALA A 206 0.42 7.47 15.50
C ALA A 206 -0.11 8.46 16.52
N ARG A 207 -1.00 8.00 17.41
CA ARG A 207 -1.51 8.89 18.47
C ARG A 207 -0.39 9.40 19.36
N GLY A 208 0.51 8.52 19.79
CA GLY A 208 1.59 8.95 20.68
C GLY A 208 2.56 9.91 20.00
N TYR A 209 2.92 9.65 18.74
CA TYR A 209 3.84 10.54 18.06
C TYR A 209 3.22 11.92 17.81
N LEU A 210 1.91 11.95 17.53
CA LEU A 210 1.24 13.23 17.30
C LEU A 210 1.15 14.07 18.57
N GLU A 211 1.07 13.44 19.73
CA GLU A 211 0.99 14.22 20.98
C GLU A 211 2.29 14.96 21.29
N THR A 212 3.42 14.48 20.78
CA THR A 212 4.70 15.17 20.92
C THR A 212 4.98 16.16 19.79
N SER A 213 4.13 16.21 18.77
CA SER A 213 4.37 17.06 17.60
C SER A 213 3.87 18.49 17.82
ZN ZN B . 7.98 2.90 -9.90
#